data_9JRK
#
_entry.id   9JRK
#
_cell.length_a   1.00
_cell.length_b   1.00
_cell.length_c   1.00
_cell.angle_alpha   90.00
_cell.angle_beta   90.00
_cell.angle_gamma   90.00
#
_symmetry.space_group_name_H-M   'P 1'
#
loop_
_entity.id
_entity.type
_entity.pdbx_description
1 polymer 'Soluble cytochrome b562,Reduced folate transporter,fusion protein'
2 non-polymer METHOTREXATE
#
_entity_poly.entity_id   1
_entity_poly.type   'polypeptide(L)'
_entity_poly.pdbx_seq_one_letter_code
;MADLEDNWETLNDNLKVIEKADNAAQVKDALTKMRAAALDAQKATPPKLEDKSPDSPEMKDFRHGFDILVGQIDDALKLA
NEGKVKEAQAAAEQLKTTRNAYIQKYLSWRHLVCYLCFYGFMAQIRPGESFITPYLLGPDKQFTREQVTNEITPVLSYSY
LAVLVPVFLLTDYLRYTPVLLLQGLSFVSVWLLLLLGHSVAHMQLMELFYSVTMAARIAYSSYIFSLVRPARYQRVAGYS
RAAVLLGVFTSSVLGQLLVTVGRVSFSTLNYISLAFLTFSVVLALFLKRPKRSLFFNRDDRGRCETSASELERMNPGPGG
KLGHALRVACGDSVLARMLRELGDSLRRPQLRLWSLWWVFNSAGYYLVVYYVHILWNEVDPTTNSARVYNWAADAASTLL
GAITSFAAGFVKIRWARWSKLLIAGVTATQAGLVFLLAHTRHPSSIWLCYAAFVLFRGSYQFLVPIATFQIASSLSKELC
ALVFGVNTFFATIVKTIITFIVSDVRGLGLPVRKQFQLYSVYFLILSIIYFLGAMLDGLRHAEEEKRKAEEEKRKGSGSQ
VQLQESGGGLVQPGGSLRLSCAASGRTISRYAMSWFRQAPGKEREFVAVARRSGDGAFYADSVQGRFTVSRDDAKNTVYL
QMNSLKPEDTAVYYCAIDSDTFYSGSYDYWGQGTQVTVSSHHHHHHHHHH
;
_entity_poly.pdbx_strand_id   A
#
# COMPACT_ATOMS: atom_id res chain seq x y z
N SER A 108 10.63 -15.02 23.31
CA SER A 108 9.71 -14.68 22.22
C SER A 108 8.28 -14.58 22.73
N TRP A 109 8.12 -14.68 24.05
CA TRP A 109 6.78 -14.61 24.63
C TRP A 109 6.22 -13.19 24.58
N ARG A 110 7.07 -12.17 24.67
CA ARG A 110 6.63 -10.79 24.63
C ARG A 110 7.29 -9.95 23.55
N HIS A 111 8.44 -10.36 23.02
CA HIS A 111 9.20 -9.58 22.07
C HIS A 111 9.20 -10.23 20.68
N LEU A 112 8.08 -10.83 20.30
CA LEU A 112 7.96 -11.45 18.98
C LEU A 112 6.91 -10.74 18.14
N VAL A 113 5.69 -10.58 18.64
CA VAL A 113 4.67 -9.84 17.91
C VAL A 113 4.75 -8.37 18.25
N CYS A 114 5.02 -8.04 19.52
CA CYS A 114 5.21 -6.65 19.90
C CYS A 114 6.43 -6.06 19.21
N TYR A 115 7.53 -6.81 19.15
CA TYR A 115 8.71 -6.33 18.43
C TYR A 115 8.45 -6.24 16.94
N LEU A 116 7.70 -7.19 16.39
CA LEU A 116 7.39 -7.13 14.96
C LEU A 116 6.56 -5.90 14.62
N CYS A 117 5.54 -5.61 15.44
CA CYS A 117 4.75 -4.40 15.23
C CYS A 117 5.59 -3.15 15.42
N PHE A 118 6.49 -3.16 16.41
CA PHE A 118 7.37 -2.02 16.63
C PHE A 118 8.27 -1.78 15.43
N TYR A 119 8.81 -2.86 14.85
CA TYR A 119 9.64 -2.70 13.66
C TYR A 119 8.82 -2.23 12.48
N GLY A 120 7.59 -2.74 12.34
CA GLY A 120 6.72 -2.26 11.27
C GLY A 120 6.41 -0.78 11.42
N PHE A 121 6.30 -0.31 12.65
CA PHE A 121 6.09 1.11 12.89
C PHE A 121 7.33 1.92 12.55
N MET A 122 8.49 1.48 13.02
CA MET A 122 9.72 2.26 12.87
C MET A 122 10.28 2.21 11.45
N ALA A 123 9.96 1.18 10.67
CA ALA A 123 10.49 1.08 9.31
C ALA A 123 9.80 2.05 8.36
N GLN A 124 8.62 2.54 8.72
CA GLN A 124 7.86 3.45 7.86
C GLN A 124 7.97 4.90 8.31
N ILE A 125 8.91 5.21 9.20
CA ILE A 125 9.13 6.58 9.66
C ILE A 125 10.20 7.18 8.75
N ARG A 126 9.76 7.92 7.74
CA ARG A 126 10.64 8.69 6.86
C ARG A 126 10.04 10.09 6.75
N PRO A 127 10.35 10.97 7.70
CA PRO A 127 9.75 12.32 7.66
C PRO A 127 10.08 13.11 6.40
N GLY A 128 11.15 12.74 5.70
CA GLY A 128 11.49 13.43 4.46
C GLY A 128 10.98 12.71 3.22
N GLU A 129 10.02 11.79 3.39
CA GLU A 129 9.49 11.05 2.26
C GLU A 129 8.61 11.92 1.39
N SER A 130 7.57 12.52 1.97
CA SER A 130 6.63 13.31 1.21
C SER A 130 7.23 14.58 0.64
N PHE A 131 8.42 14.98 1.10
CA PHE A 131 9.09 16.18 0.62
C PHE A 131 10.21 15.89 -0.35
N ILE A 132 10.16 14.74 -1.03
CA ILE A 132 11.21 14.41 -2.00
C ILE A 132 11.12 15.33 -3.21
N THR A 133 9.92 15.52 -3.75
CA THR A 133 9.76 16.37 -4.93
C THR A 133 10.15 17.83 -4.67
N PRO A 134 9.70 18.49 -3.60
CA PRO A 134 10.19 19.86 -3.37
C PRO A 134 11.69 19.93 -3.16
N TYR A 135 12.28 18.92 -2.51
CA TYR A 135 13.73 18.89 -2.36
C TYR A 135 14.41 18.79 -3.71
N LEU A 136 13.85 17.99 -4.62
CA LEU A 136 14.44 17.86 -5.98
C LEU A 136 14.33 19.22 -6.69
N LEU A 137 13.19 19.89 -6.54
CA LEU A 137 12.95 21.18 -7.18
C LEU A 137 13.53 22.35 -6.37
N GLY A 138 14.10 22.08 -5.21
CA GLY A 138 14.56 23.14 -4.32
C GLY A 138 15.89 23.73 -4.75
N PRO A 139 16.54 24.43 -3.82
CA PRO A 139 17.81 25.10 -4.16
C PRO A 139 19.02 24.19 -4.02
N ASP A 140 18.91 23.13 -3.21
CA ASP A 140 20.02 22.21 -3.06
C ASP A 140 20.34 21.50 -4.37
N LYS A 141 19.31 21.08 -5.10
CA LYS A 141 19.48 20.41 -6.38
C LYS A 141 18.77 21.22 -7.45
N GLN A 142 19.54 21.68 -8.44
CA GLN A 142 18.99 22.49 -9.53
C GLN A 142 18.42 21.55 -10.59
N PHE A 143 17.14 21.22 -10.45
CA PHE A 143 16.45 20.33 -11.35
C PHE A 143 15.26 21.06 -11.97
N THR A 144 15.09 20.91 -13.28
CA THR A 144 13.96 21.54 -13.96
C THR A 144 12.68 20.76 -13.64
N ARG A 145 11.55 21.47 -13.66
CA ARG A 145 10.24 20.82 -13.38
C ARG A 145 10.05 19.63 -14.33
N GLU A 146 10.41 19.83 -15.60
CA GLU A 146 10.20 18.79 -16.63
C GLU A 146 10.96 17.51 -16.26
N GLN A 147 12.20 17.61 -15.77
CA GLN A 147 12.92 16.33 -15.55
C GLN A 147 12.41 15.54 -14.37
N VAL A 148 12.24 16.19 -13.21
CA VAL A 148 11.79 15.49 -11.97
C VAL A 148 10.53 14.70 -12.31
N THR A 149 9.77 15.08 -13.34
CA THR A 149 8.48 14.38 -13.61
C THR A 149 8.61 13.41 -14.80
N ASN A 150 9.50 13.68 -15.75
CA ASN A 150 9.58 12.83 -16.93
C ASN A 150 10.76 11.85 -16.90
N GLU A 151 11.74 12.03 -16.02
CA GLU A 151 12.82 11.06 -15.87
C GLU A 151 12.89 10.41 -14.49
N ILE A 152 11.94 10.70 -13.60
CA ILE A 152 11.97 10.16 -12.24
C ILE A 152 10.73 9.34 -11.94
N THR A 153 9.55 9.80 -12.37
CA THR A 153 8.35 9.04 -12.07
C THR A 153 8.19 7.82 -12.97
N PRO A 154 8.40 7.93 -14.30
CA PRO A 154 8.28 6.72 -15.15
C PRO A 154 9.22 5.61 -14.75
N VAL A 155 10.47 5.92 -14.36
CA VAL A 155 11.40 4.85 -13.99
C VAL A 155 10.91 4.13 -12.75
N LEU A 156 10.39 4.86 -11.77
CA LEU A 156 9.83 4.24 -10.58
C LEU A 156 8.62 3.38 -10.94
N SER A 157 7.75 3.92 -11.81
CA SER A 157 6.54 3.19 -12.22
C SER A 157 6.93 1.85 -12.88
N TYR A 158 7.88 1.89 -13.82
CA TYR A 158 8.27 0.67 -14.53
C TYR A 158 9.01 -0.29 -13.61
N SER A 159 9.87 0.23 -12.74
CA SER A 159 10.65 -0.63 -11.88
C SER A 159 9.81 -1.27 -10.78
N TYR A 160 8.68 -0.66 -10.41
CA TYR A 160 7.78 -1.34 -9.49
C TYR A 160 7.27 -2.64 -10.10
N LEU A 161 6.92 -2.61 -11.39
CA LEU A 161 6.53 -3.83 -12.08
C LEU A 161 7.70 -4.78 -12.24
N ALA A 162 8.87 -4.25 -12.62
CA ALA A 162 10.00 -5.10 -12.97
C ALA A 162 10.55 -5.84 -11.74
N VAL A 163 10.80 -5.11 -10.65
CA VAL A 163 11.47 -5.70 -9.50
C VAL A 163 10.50 -6.47 -8.59
N LEU A 164 9.19 -6.30 -8.80
CA LEU A 164 8.24 -7.06 -7.99
C LEU A 164 8.38 -8.55 -8.24
N VAL A 165 8.60 -8.95 -9.50
CA VAL A 165 8.63 -10.37 -9.84
C VAL A 165 9.74 -11.11 -9.10
N PRO A 166 11.01 -10.69 -9.16
CA PRO A 166 12.03 -11.39 -8.36
C PRO A 166 11.75 -11.34 -6.87
N VAL A 167 11.21 -10.23 -6.39
CA VAL A 167 10.98 -10.08 -4.95
C VAL A 167 9.98 -11.12 -4.47
N PHE A 168 8.83 -11.22 -5.14
CA PHE A 168 7.84 -12.19 -4.68
C PHE A 168 8.19 -13.62 -5.09
N LEU A 169 9.08 -13.80 -6.07
CA LEU A 169 9.55 -15.14 -6.38
C LEU A 169 10.48 -15.66 -5.29
N LEU A 170 11.34 -14.81 -4.76
CA LEU A 170 12.39 -15.27 -3.86
C LEU A 170 12.16 -14.95 -2.39
N THR A 171 11.10 -14.20 -2.04
CA THR A 171 10.91 -13.82 -0.65
C THR A 171 10.59 -15.03 0.22
N ASP A 172 9.77 -15.96 -0.27
CA ASP A 172 9.39 -17.10 0.53
C ASP A 172 10.53 -18.10 0.70
N TYR A 173 11.38 -18.26 -0.32
CA TYR A 173 12.56 -19.09 -0.16
C TYR A 173 13.58 -18.44 0.76
N LEU A 174 13.73 -17.12 0.66
CA LEU A 174 14.68 -16.41 1.51
C LEU A 174 14.23 -16.32 2.96
N ARG A 175 12.98 -16.71 3.25
CA ARG A 175 12.42 -16.74 4.60
C ARG A 175 12.28 -15.36 5.23
N TYR A 176 12.16 -14.33 4.39
CA TYR A 176 11.62 -13.01 4.73
C TYR A 176 12.52 -12.13 5.58
N THR A 177 13.57 -12.67 6.17
CA THR A 177 14.48 -11.77 6.88
C THR A 177 15.41 -11.07 5.90
N PRO A 178 16.03 -11.78 4.94
CA PRO A 178 16.83 -11.08 3.94
C PRO A 178 16.04 -10.07 3.13
N VAL A 179 14.76 -10.32 2.84
CA VAL A 179 14.00 -9.36 2.06
C VAL A 179 13.71 -8.09 2.86
N LEU A 180 13.42 -8.24 4.16
CA LEU A 180 13.28 -7.06 5.02
C LEU A 180 14.59 -6.29 5.10
N LEU A 181 15.71 -7.01 5.22
CA LEU A 181 17.01 -6.33 5.23
C LEU A 181 17.26 -5.62 3.91
N LEU A 182 16.88 -6.23 2.79
CA LEU A 182 17.04 -5.60 1.50
C LEU A 182 16.18 -4.34 1.39
N GLN A 183 14.94 -4.39 1.90
CA GLN A 183 14.09 -3.21 1.88
C GLN A 183 14.69 -2.09 2.72
N GLY A 184 15.19 -2.42 3.91
CA GLY A 184 15.79 -1.39 4.76
C GLY A 184 17.04 -0.79 4.15
N LEU A 185 17.94 -1.65 3.63
CA LEU A 185 19.15 -1.15 2.99
C LEU A 185 18.83 -0.38 1.73
N SER A 186 17.77 -0.75 1.02
CA SER A 186 17.37 -0.01 -0.17
C SER A 186 16.82 1.36 0.21
N PHE A 187 16.13 1.45 1.34
CA PHE A 187 15.65 2.77 1.82
C PHE A 187 16.87 3.62 2.20
N VAL A 188 17.85 3.02 2.87
CA VAL A 188 19.05 3.75 3.26
C VAL A 188 19.80 4.23 2.02
N SER A 189 19.90 3.38 1.01
CA SER A 189 20.56 3.77 -0.24
C SER A 189 19.76 4.85 -0.97
N VAL A 190 18.43 4.78 -0.91
CA VAL A 190 17.59 5.82 -1.51
C VAL A 190 17.92 7.16 -0.89
N TRP A 191 17.98 7.20 0.44
CA TRP A 191 18.22 8.52 1.10
C TRP A 191 19.67 8.96 0.89
N LEU A 192 20.62 8.01 0.87
CA LEU A 192 21.99 8.38 0.58
C LEU A 192 22.10 8.99 -0.81
N LEU A 193 21.45 8.39 -1.80
CA LEU A 193 21.47 8.91 -3.15
C LEU A 193 20.76 10.25 -3.23
N LEU A 194 19.70 10.42 -2.44
CA LEU A 194 19.05 11.72 -2.33
C LEU A 194 20.00 12.77 -1.77
N LEU A 195 20.79 12.40 -0.76
CA LEU A 195 21.75 13.34 -0.19
C LEU A 195 22.83 13.71 -1.19
N LEU A 196 23.35 12.74 -1.94
CA LEU A 196 24.38 13.06 -2.94
C LEU A 196 23.77 13.71 -4.17
N GLY A 197 22.94 12.97 -4.90
CA GLY A 197 22.18 13.50 -6.02
C GLY A 197 23.00 14.29 -7.04
N HIS A 198 24.12 13.72 -7.47
CA HIS A 198 25.02 14.46 -8.35
C HIS A 198 24.38 14.77 -9.70
N SER A 199 23.71 13.79 -10.31
CA SER A 199 23.19 13.96 -11.66
C SER A 199 21.84 13.25 -11.74
N VAL A 200 21.33 13.13 -12.98
CA VAL A 200 20.03 12.50 -13.20
C VAL A 200 20.11 11.00 -12.96
N ALA A 201 21.19 10.35 -13.43
CA ALA A 201 21.31 8.91 -13.29
C ALA A 201 21.32 8.49 -11.83
N HIS A 202 21.93 9.30 -10.97
CA HIS A 202 21.87 9.05 -9.53
C HIS A 202 20.42 8.95 -9.07
N MET A 203 19.57 9.87 -9.54
CA MET A 203 18.20 9.89 -9.07
C MET A 203 17.37 8.78 -9.70
N GLN A 204 17.72 8.38 -10.92
CA GLN A 204 17.11 7.20 -11.52
C GLN A 204 17.40 5.96 -10.68
N LEU A 205 18.65 5.82 -10.23
CA LEU A 205 19.01 4.71 -9.35
C LEU A 205 18.26 4.81 -8.02
N MET A 206 18.10 6.03 -7.51
CA MET A 206 17.33 6.20 -6.28
C MET A 206 15.89 5.75 -6.46
N GLU A 207 15.27 6.09 -7.59
CA GLU A 207 13.90 5.66 -7.83
C GLU A 207 13.81 4.15 -8.03
N LEU A 208 14.81 3.56 -8.66
CA LEU A 208 14.85 2.09 -8.78
C LEU A 208 14.89 1.44 -7.40
N PHE A 209 15.72 1.97 -6.51
CA PHE A 209 15.78 1.42 -5.15
C PHE A 209 14.48 1.66 -4.38
N TYR A 210 13.83 2.80 -4.61
CA TYR A 210 12.54 3.04 -3.98
C TYR A 210 11.50 2.03 -4.45
N SER A 211 11.51 1.72 -5.75
CA SER A 211 10.63 0.68 -6.25
C SER A 211 10.97 -0.67 -5.65
N VAL A 212 12.26 -0.90 -5.38
CA VAL A 212 12.68 -2.16 -4.71
C VAL A 212 11.99 -2.20 -3.35
N THR A 213 12.02 -1.09 -2.61
CA THR A 213 11.39 -1.05 -1.29
C THR A 213 9.88 -1.30 -1.39
N MET A 214 9.22 -0.65 -2.35
CA MET A 214 7.79 -0.83 -2.50
C MET A 214 7.44 -2.27 -2.90
N ALA A 215 8.31 -2.92 -3.66
CA ALA A 215 8.09 -4.33 -4.01
C ALA A 215 8.31 -5.24 -2.81
N ALA A 216 9.31 -4.93 -1.98
CA ALA A 216 9.60 -5.74 -0.81
C ALA A 216 8.66 -5.47 0.35
N ARG A 217 7.77 -4.49 0.23
CA ARG A 217 6.77 -4.24 1.27
C ARG A 217 5.94 -5.49 1.59
N ILE A 218 5.74 -6.37 0.61
CA ILE A 218 4.95 -7.58 0.83
C ILE A 218 5.65 -8.56 1.77
N ALA A 219 6.98 -8.46 1.90
CA ALA A 219 7.71 -9.41 2.72
C ALA A 219 7.35 -9.28 4.19
N TYR A 220 7.09 -8.06 4.67
CA TYR A 220 6.63 -7.88 6.04
C TYR A 220 5.26 -8.51 6.26
N SER A 221 4.34 -8.28 5.31
CA SER A 221 2.99 -8.83 5.42
C SER A 221 2.96 -10.34 5.33
N SER A 222 3.98 -10.95 4.71
CA SER A 222 4.09 -12.40 4.76
C SER A 222 4.85 -12.88 6.00
N TYR A 223 5.79 -12.07 6.46
CA TYR A 223 6.62 -12.43 7.64
C TYR A 223 5.71 -12.56 8.87
N ILE A 224 4.78 -11.62 9.05
CA ILE A 224 3.90 -11.65 10.23
C ILE A 224 3.18 -12.99 10.31
N PHE A 225 2.70 -13.49 9.17
CA PHE A 225 1.95 -14.73 9.12
C PHE A 225 2.85 -15.95 9.25
N SER A 226 4.06 -15.89 8.71
CA SER A 226 4.99 -16.99 8.88
C SER A 226 5.62 -17.01 10.27
N LEU A 227 5.36 -16.01 11.10
CA LEU A 227 5.96 -15.92 12.41
C LEU A 227 5.09 -16.42 13.55
N VAL A 228 3.79 -16.59 13.33
CA VAL A 228 2.87 -16.95 14.41
C VAL A 228 2.16 -18.25 14.04
N ARG A 229 1.56 -18.88 15.06
CA ARG A 229 0.79 -20.09 14.84
C ARG A 229 -0.46 -19.79 14.02
N PRO A 230 -0.91 -20.75 13.20
CA PRO A 230 -2.05 -20.47 12.32
C PRO A 230 -3.38 -20.44 13.05
N ALA A 231 -3.44 -19.73 14.17
CA ALA A 231 -4.68 -19.56 14.91
C ALA A 231 -4.99 -18.09 15.18
N ARG A 232 -3.98 -17.28 15.44
CA ARG A 232 -4.15 -15.83 15.63
C ARG A 232 -3.65 -15.05 14.42
N TYR A 233 -3.87 -15.58 13.21
CA TYR A 233 -3.47 -14.87 12.01
C TYR A 233 -4.18 -13.52 11.91
N GLN A 234 -5.48 -13.49 12.23
CA GLN A 234 -6.25 -12.26 12.08
C GLN A 234 -5.79 -11.19 13.06
N ARG A 235 -5.57 -11.57 14.32
CA ARG A 235 -5.15 -10.60 15.32
C ARG A 235 -3.78 -10.03 15.00
N VAL A 236 -2.84 -10.88 14.59
CA VAL A 236 -1.51 -10.38 14.25
C VAL A 236 -1.55 -9.55 12.97
N ALA A 237 -2.43 -9.90 12.02
CA ALA A 237 -2.59 -9.09 10.82
C ALA A 237 -3.08 -7.70 11.18
N GLY A 238 -4.09 -7.63 12.05
CA GLY A 238 -4.59 -6.34 12.49
C GLY A 238 -3.53 -5.53 13.21
N TYR A 239 -2.79 -6.18 14.10
CA TYR A 239 -1.72 -5.49 14.83
C TYR A 239 -0.67 -4.93 13.88
N SER A 240 -0.23 -5.76 12.92
CA SER A 240 0.82 -5.33 12.01
C SER A 240 0.36 -4.21 11.09
N ARG A 241 -0.86 -4.31 10.55
CA ARG A 241 -1.35 -3.25 9.67
C ARG A 241 -1.58 -1.97 10.46
N ALA A 242 -2.08 -2.06 11.69
CA ALA A 242 -2.22 -0.89 12.53
C ALA A 242 -0.87 -0.25 12.78
N ALA A 243 0.15 -1.05 13.07
CA ALA A 243 1.48 -0.51 13.32
C ALA A 243 2.06 0.16 12.09
N VAL A 244 1.90 -0.47 10.92
CA VAL A 244 2.46 0.09 9.69
C VAL A 244 1.76 1.40 9.34
N LEU A 245 0.43 1.43 9.41
CA LEU A 245 -0.28 2.65 9.07
C LEU A 245 -0.05 3.74 10.11
N LEU A 246 0.10 3.39 11.38
CA LEU A 246 0.48 4.37 12.39
C LEU A 246 1.87 4.92 12.11
N GLY A 247 2.78 4.07 11.64
CA GLY A 247 4.10 4.56 11.26
C GLY A 247 4.05 5.52 10.09
N VAL A 248 3.22 5.22 9.09
CA VAL A 248 3.09 6.11 7.94
C VAL A 248 2.49 7.45 8.38
N PHE A 249 1.45 7.40 9.22
CA PHE A 249 0.84 8.62 9.72
C PHE A 249 1.84 9.44 10.54
N THR A 250 2.62 8.77 11.39
CA THR A 250 3.62 9.46 12.19
C THR A 250 4.70 10.07 11.31
N SER A 251 5.12 9.37 10.26
CA SER A 251 6.09 9.94 9.33
C SER A 251 5.56 11.20 8.67
N SER A 252 4.32 11.15 8.17
CA SER A 252 3.74 12.32 7.52
C SER A 252 3.62 13.49 8.50
N VAL A 253 3.10 13.21 9.69
CA VAL A 253 2.91 14.27 10.67
C VAL A 253 4.25 14.84 11.13
N LEU A 254 5.25 13.98 11.31
CA LEU A 254 6.57 14.45 11.71
C LEU A 254 7.18 15.34 10.64
N GLY A 255 7.09 14.93 9.37
CA GLY A 255 7.63 15.76 8.31
C GLY A 255 6.94 17.11 8.23
N GLN A 256 5.61 17.11 8.29
CA GLN A 256 4.89 18.37 8.16
C GLN A 256 5.08 19.26 9.39
N LEU A 257 5.17 18.65 10.58
CA LEU A 257 5.45 19.42 11.79
C LEU A 257 6.83 20.05 11.74
N LEU A 258 7.83 19.29 11.28
CA LEU A 258 9.18 19.83 11.20
C LEU A 258 9.27 20.94 10.17
N VAL A 259 8.59 20.80 9.04
CA VAL A 259 8.74 21.78 7.97
C VAL A 259 7.88 23.02 8.24
N THR A 260 6.57 22.82 8.43
CA THR A 260 5.65 23.95 8.49
C THR A 260 5.67 24.66 9.84
N VAL A 261 5.31 23.97 10.92
CA VAL A 261 5.29 24.60 12.24
C VAL A 261 6.66 24.58 12.91
N GLY A 262 7.56 23.70 12.48
CA GLY A 262 8.95 23.78 12.87
C GLY A 262 9.75 24.63 11.90
N ARG A 263 11.07 24.57 12.05
CA ARG A 263 11.97 25.33 11.19
C ARG A 263 13.19 24.45 10.88
N VAL A 264 13.09 23.69 9.79
CA VAL A 264 14.19 22.87 9.31
C VAL A 264 14.22 22.93 7.79
N SER A 265 15.41 22.73 7.23
CA SER A 265 15.57 22.70 5.80
C SER A 265 15.30 21.29 5.28
N PHE A 266 15.20 21.17 3.96
CA PHE A 266 14.98 19.86 3.35
C PHE A 266 16.16 18.94 3.59
N SER A 267 17.38 19.48 3.57
CA SER A 267 18.56 18.65 3.82
C SER A 267 18.54 18.09 5.24
N THR A 268 18.18 18.91 6.23
CA THR A 268 18.09 18.43 7.59
C THR A 268 16.99 17.38 7.75
N LEU A 269 15.86 17.59 7.07
CA LEU A 269 14.79 16.60 7.11
C LEU A 269 15.24 15.27 6.52
N ASN A 270 16.00 15.33 5.42
CA ASN A 270 16.51 14.10 4.83
C ASN A 270 17.57 13.44 5.72
N TYR A 271 18.36 14.23 6.44
CA TYR A 271 19.29 13.66 7.40
C TYR A 271 18.54 12.92 8.51
N ILE A 272 17.46 13.52 9.01
CA ILE A 272 16.64 12.87 10.03
C ILE A 272 16.04 11.58 9.48
N SER A 273 15.55 11.61 8.25
CA SER A 273 14.98 10.42 7.64
C SER A 273 16.04 9.34 7.47
N LEU A 274 17.26 9.72 7.09
CA LEU A 274 18.34 8.75 6.94
C LEU A 274 18.70 8.12 8.28
N ALA A 275 18.73 8.92 9.35
CA ALA A 275 18.99 8.36 10.67
C ALA A 275 17.89 7.38 11.08
N PHE A 276 16.64 7.74 10.84
CA PHE A 276 15.54 6.84 11.18
C PHE A 276 15.60 5.57 10.35
N LEU A 277 15.98 5.66 9.08
CA LEU A 277 16.10 4.47 8.26
C LEU A 277 17.26 3.59 8.70
N THR A 278 18.35 4.20 9.15
CA THR A 278 19.45 3.42 9.73
C THR A 278 18.98 2.67 10.97
N PHE A 279 18.20 3.34 11.82
CA PHE A 279 17.66 2.66 12.99
C PHE A 279 16.70 1.54 12.59
N SER A 280 15.93 1.75 11.53
CA SER A 280 15.03 0.71 11.06
C SER A 280 15.80 -0.51 10.54
N VAL A 281 16.92 -0.27 9.85
CA VAL A 281 17.77 -1.37 9.41
C VAL A 281 18.35 -2.10 10.62
N VAL A 282 18.76 -1.35 11.64
CA VAL A 282 19.26 -1.97 12.87
C VAL A 282 18.19 -2.85 13.49
N LEU A 283 16.95 -2.37 13.53
CA LEU A 283 15.85 -3.17 14.07
C LEU A 283 15.63 -4.43 13.24
N ALA A 284 15.63 -4.28 11.91
CA ALA A 284 15.40 -5.43 11.03
C ALA A 284 16.52 -6.45 11.14
N LEU A 285 17.72 -6.03 11.53
CA LEU A 285 18.82 -6.97 11.68
C LEU A 285 18.50 -8.04 12.73
N PHE A 286 17.88 -7.63 13.84
CA PHE A 286 17.65 -8.53 14.96
C PHE A 286 16.41 -9.40 14.79
N LEU A 287 15.65 -9.23 13.71
CA LEU A 287 14.48 -10.06 13.48
C LEU A 287 14.90 -11.50 13.20
N LYS A 288 14.10 -12.44 13.67
CA LYS A 288 14.42 -13.85 13.50
C LYS A 288 14.05 -14.33 12.10
N ARG A 289 14.62 -15.47 11.72
CA ARG A 289 14.37 -16.07 10.42
C ARG A 289 13.60 -17.37 10.60
N PRO A 290 12.38 -17.47 10.11
CA PRO A 290 11.60 -18.69 10.31
C PRO A 290 12.30 -19.90 9.68
N LYS A 291 12.14 -21.05 10.32
CA LYS A 291 12.77 -22.27 9.85
C LYS A 291 12.02 -22.86 8.66
N SER A 333 12.76 -29.28 -10.73
CA SER A 333 11.69 -28.38 -11.16
C SER A 333 10.95 -27.80 -9.96
N VAL A 334 11.63 -26.89 -9.24
CA VAL A 334 11.01 -26.26 -8.07
C VAL A 334 9.88 -25.33 -8.51
N LEU A 335 10.05 -24.64 -9.65
CA LEU A 335 9.03 -23.73 -10.12
C LEU A 335 7.75 -24.47 -10.49
N ALA A 336 7.88 -25.67 -11.04
CA ALA A 336 6.69 -26.45 -11.41
C ALA A 336 5.87 -26.80 -10.18
N ARG A 337 6.52 -27.29 -9.12
CA ARG A 337 5.81 -27.58 -7.88
C ARG A 337 5.26 -26.31 -7.26
N MET A 338 5.99 -25.20 -7.38
CA MET A 338 5.53 -23.92 -6.87
C MET A 338 4.21 -23.52 -7.53
N LEU A 339 4.15 -23.60 -8.87
CA LEU A 339 2.93 -23.25 -9.58
C LEU A 339 1.82 -24.26 -9.31
N ARG A 340 2.15 -25.54 -9.14
CA ARG A 340 1.13 -26.53 -8.81
C ARG A 340 0.49 -26.21 -7.46
N GLU A 341 1.31 -25.87 -6.46
CA GLU A 341 0.78 -25.48 -5.16
C GLU A 341 -0.04 -24.20 -5.27
N LEU A 342 0.43 -23.24 -6.07
CA LEU A 342 -0.34 -22.01 -6.25
C LEU A 342 -1.70 -22.29 -6.86
N GLY A 343 -1.76 -23.15 -7.87
CA GLY A 343 -3.04 -23.49 -8.48
C GLY A 343 -3.96 -24.23 -7.53
N ASP A 344 -3.42 -25.20 -6.78
CA ASP A 344 -4.23 -25.94 -5.82
C ASP A 344 -4.76 -25.03 -4.73
N SER A 345 -3.96 -24.05 -4.30
CA SER A 345 -4.43 -23.09 -3.31
C SER A 345 -5.50 -22.18 -3.90
N LEU A 346 -5.34 -21.76 -5.17
CA LEU A 346 -6.34 -20.95 -5.81
C LEU A 346 -7.64 -21.70 -6.05
N ARG A 347 -7.59 -23.03 -6.10
CA ARG A 347 -8.83 -23.81 -6.23
C ARG A 347 -9.74 -23.64 -5.01
N ARG A 348 -9.19 -23.21 -3.88
CA ARG A 348 -10.00 -23.06 -2.68
C ARG A 348 -10.98 -21.90 -2.83
N PRO A 349 -12.17 -21.92 -2.19
CA PRO A 349 -13.16 -20.85 -2.39
C PRO A 349 -12.88 -19.59 -1.55
N GLN A 350 -11.91 -19.66 -0.63
CA GLN A 350 -11.62 -18.52 0.24
C GLN A 350 -10.40 -17.74 -0.20
N LEU A 351 -9.35 -18.43 -0.67
CA LEU A 351 -8.21 -17.72 -1.23
C LEU A 351 -8.58 -17.06 -2.56
N ARG A 352 -9.41 -17.71 -3.36
CA ARG A 352 -9.75 -17.16 -4.67
C ARG A 352 -10.54 -15.86 -4.55
N LEU A 353 -11.55 -15.83 -3.68
CA LEU A 353 -12.36 -14.64 -3.54
C LEU A 353 -11.54 -13.46 -3.05
N TRP A 354 -10.73 -13.68 -2.02
CA TRP A 354 -9.95 -12.57 -1.47
C TRP A 354 -8.81 -12.18 -2.40
N SER A 355 -8.28 -13.12 -3.19
CA SER A 355 -7.28 -12.77 -4.17
C SER A 355 -7.88 -11.90 -5.28
N LEU A 356 -9.08 -12.24 -5.75
CA LEU A 356 -9.76 -11.38 -6.72
C LEU A 356 -10.05 -10.01 -6.12
N TRP A 357 -10.51 -9.99 -4.87
CA TRP A 357 -10.75 -8.72 -4.20
C TRP A 357 -9.49 -7.89 -4.13
N TRP A 358 -8.36 -8.51 -3.78
CA TRP A 358 -7.09 -7.80 -3.81
C TRP A 358 -6.83 -7.21 -5.18
N VAL A 359 -6.72 -8.08 -6.20
CA VAL A 359 -6.33 -7.65 -7.54
C VAL A 359 -7.20 -6.49 -8.02
N PHE A 360 -8.49 -6.49 -7.69
CA PHE A 360 -9.36 -5.46 -8.24
C PHE A 360 -9.54 -4.26 -7.31
N ASN A 361 -9.98 -4.49 -6.07
CA ASN A 361 -10.24 -3.36 -5.17
C ASN A 361 -8.96 -2.64 -4.78
N SER A 362 -7.85 -3.36 -4.59
CA SER A 362 -6.60 -2.67 -4.29
C SER A 362 -6.17 -1.77 -5.43
N ALA A 363 -6.33 -2.24 -6.67
CA ALA A 363 -6.04 -1.39 -7.83
C ALA A 363 -6.94 -0.17 -7.84
N GLY A 364 -8.23 -0.37 -7.59
CA GLY A 364 -9.14 0.77 -7.55
C GLY A 364 -8.77 1.77 -6.49
N TYR A 365 -8.41 1.30 -5.30
CA TYR A 365 -8.03 2.18 -4.20
C TYR A 365 -6.74 2.93 -4.51
N TYR A 366 -5.76 2.25 -5.10
CA TYR A 366 -4.52 2.93 -5.47
C TYR A 366 -4.78 4.02 -6.51
N LEU A 367 -5.59 3.72 -7.53
CA LEU A 367 -5.94 4.74 -8.51
C LEU A 367 -6.64 5.91 -7.84
N VAL A 368 -7.61 5.63 -6.98
CA VAL A 368 -8.40 6.69 -6.36
C VAL A 368 -7.50 7.59 -5.52
N VAL A 369 -6.57 7.01 -4.75
CA VAL A 369 -5.69 7.82 -3.93
C VAL A 369 -4.74 8.65 -4.79
N TYR A 370 -4.08 8.01 -5.76
CA TYR A 370 -3.08 8.69 -6.57
C TYR A 370 -3.69 9.81 -7.39
N TYR A 371 -4.99 9.72 -7.70
CA TYR A 371 -5.63 10.81 -8.41
C TYR A 371 -6.41 11.76 -7.50
N VAL A 372 -6.72 11.35 -6.27
CA VAL A 372 -7.27 12.28 -5.28
C VAL A 372 -6.24 13.35 -4.96
N HIS A 373 -4.97 12.94 -4.85
CA HIS A 373 -3.91 13.94 -4.59
C HIS A 373 -3.94 15.01 -5.68
N ILE A 374 -3.96 14.58 -6.94
CA ILE A 374 -3.92 15.52 -8.06
C ILE A 374 -5.20 16.36 -8.10
N LEU A 375 -6.36 15.73 -7.85
CA LEU A 375 -7.62 16.46 -7.88
C LEU A 375 -7.66 17.54 -6.81
N TRP A 376 -7.18 17.23 -5.61
CA TRP A 376 -7.13 18.24 -4.55
C TRP A 376 -6.15 19.35 -4.91
N ASN A 377 -5.00 19.00 -5.49
CA ASN A 377 -4.07 20.03 -5.91
C ASN A 377 -4.59 20.86 -7.07
N GLU A 378 -5.61 20.36 -7.78
CA GLU A 378 -6.15 21.09 -8.94
C GLU A 378 -7.18 22.13 -8.50
N VAL A 379 -8.25 21.70 -7.85
CA VAL A 379 -9.32 22.60 -7.45
C VAL A 379 -9.10 23.12 -6.04
N ARG A 387 -4.22 23.69 0.25
CA ARG A 387 -2.80 23.34 0.20
C ARG A 387 -2.30 22.95 1.58
N VAL A 388 -2.62 23.79 2.57
CA VAL A 388 -2.19 23.53 3.94
C VAL A 388 -2.89 22.29 4.50
N TYR A 389 -4.19 22.15 4.21
CA TYR A 389 -4.98 21.06 4.77
C TYR A 389 -4.86 19.76 4.00
N ASN A 390 -4.10 19.74 2.89
CA ASN A 390 -3.95 18.50 2.14
C ASN A 390 -3.23 17.43 2.96
N TRP A 391 -2.11 17.82 3.58
CA TRP A 391 -1.40 16.86 4.42
C TRP A 391 -2.22 16.48 5.65
N ALA A 392 -3.03 17.41 6.16
CA ALA A 392 -3.91 17.07 7.28
C ALA A 392 -4.91 16.01 6.88
N ALA A 393 -5.51 16.14 5.69
CA ALA A 393 -6.44 15.14 5.19
C ALA A 393 -5.74 13.81 4.98
N ASP A 394 -4.52 13.83 4.42
CA ASP A 394 -3.77 12.60 4.22
C ASP A 394 -3.47 11.91 5.54
N ALA A 395 -3.00 12.65 6.52
CA ALA A 395 -2.69 12.08 7.83
C ALA A 395 -3.93 11.55 8.52
N ALA A 396 -5.05 12.27 8.42
CA ALA A 396 -6.29 11.80 9.00
C ALA A 396 -6.75 10.51 8.34
N SER A 397 -6.62 10.42 7.01
CA SER A 397 -6.98 9.19 6.31
C SER A 397 -6.10 8.03 6.76
N THR A 398 -4.79 8.27 6.90
CA THR A 398 -3.91 7.20 7.33
C THR A 398 -4.20 6.77 8.77
N LEU A 399 -4.51 7.72 9.65
CA LEU A 399 -4.83 7.37 11.03
C LEU A 399 -6.14 6.59 11.11
N LEU A 400 -7.15 7.00 10.34
CA LEU A 400 -8.38 6.22 10.29
C LEU A 400 -8.13 4.85 9.70
N GLY A 401 -7.21 4.74 8.75
CA GLY A 401 -6.84 3.43 8.23
C GLY A 401 -6.21 2.55 9.29
N ALA A 402 -5.34 3.13 10.12
CA ALA A 402 -4.74 2.36 11.21
C ALA A 402 -5.79 1.91 12.21
N ILE A 403 -6.72 2.81 12.56
CA ILE A 403 -7.77 2.45 13.51
C ILE A 403 -8.66 1.35 12.94
N THR A 404 -9.03 1.46 11.67
CA THR A 404 -9.87 0.44 11.06
C THR A 404 -9.14 -0.88 10.90
N SER A 405 -7.82 -0.85 10.64
CA SER A 405 -7.06 -2.08 10.58
C SER A 405 -6.99 -2.76 11.94
N PHE A 406 -6.84 -1.97 13.00
CA PHE A 406 -6.90 -2.53 14.35
C PHE A 406 -8.25 -3.17 14.62
N ALA A 407 -9.32 -2.47 14.25
CA ALA A 407 -10.66 -3.01 14.46
C ALA A 407 -10.87 -4.29 13.66
N ALA A 408 -10.39 -4.33 12.42
CA ALA A 408 -10.49 -5.54 11.62
C ALA A 408 -9.70 -6.68 12.23
N GLY A 409 -8.55 -6.37 12.82
CA GLY A 409 -7.83 -7.39 13.56
C GLY A 409 -8.63 -7.92 14.73
N PHE A 410 -9.40 -7.04 15.38
CA PHE A 410 -10.17 -7.44 16.55
C PHE A 410 -11.61 -7.84 16.26
N VAL A 411 -12.03 -7.87 15.00
CA VAL A 411 -13.40 -8.25 14.66
C VAL A 411 -13.44 -9.75 14.39
N LYS A 412 -14.51 -10.40 14.84
CA LYS A 412 -14.70 -11.82 14.64
C LYS A 412 -16.11 -12.07 14.11
N ILE A 413 -16.20 -12.51 12.86
CA ILE A 413 -17.47 -12.89 12.24
C ILE A 413 -17.27 -14.26 11.59
N ARG A 414 -18.37 -14.97 11.41
CA ARG A 414 -18.32 -16.29 10.81
C ARG A 414 -18.02 -16.12 9.32
N TRP A 415 -16.76 -16.28 8.95
CA TRP A 415 -16.35 -16.08 7.57
C TRP A 415 -16.80 -17.26 6.71
N ALA A 416 -16.57 -17.12 5.40
CA ALA A 416 -16.98 -18.08 4.38
C ALA A 416 -18.49 -18.08 4.21
N ARG A 417 -19.20 -17.36 5.06
CA ARG A 417 -20.63 -17.10 4.89
C ARG A 417 -20.92 -15.61 4.76
N TRP A 418 -20.53 -14.82 5.75
CA TRP A 418 -20.63 -13.36 5.67
C TRP A 418 -19.32 -12.74 5.20
N SER A 419 -18.77 -13.24 4.10
CA SER A 419 -17.52 -12.73 3.56
C SER A 419 -17.71 -12.02 2.23
N LYS A 420 -18.46 -12.63 1.30
CA LYS A 420 -18.80 -11.93 0.07
C LYS A 420 -19.74 -10.76 0.36
N LEU A 421 -20.64 -10.92 1.32
CA LEU A 421 -21.52 -9.82 1.70
C LEU A 421 -20.74 -8.66 2.31
N LEU A 422 -19.76 -8.97 3.17
CA LEU A 422 -18.94 -7.91 3.76
C LEU A 422 -18.15 -7.18 2.68
N ILE A 423 -17.57 -7.92 1.74
CA ILE A 423 -16.80 -7.31 0.67
C ILE A 423 -17.70 -6.42 -0.17
N ALA A 424 -18.90 -6.92 -0.52
CA ALA A 424 -19.82 -6.13 -1.32
C ALA A 424 -20.24 -4.86 -0.59
N GLY A 425 -20.52 -4.97 0.71
CA GLY A 425 -20.92 -3.79 1.46
C GLY A 425 -19.81 -2.76 1.54
N VAL A 426 -18.59 -3.20 1.82
CA VAL A 426 -17.47 -2.26 1.90
C VAL A 426 -17.20 -1.63 0.55
N THR A 427 -17.26 -2.41 -0.53
CA THR A 427 -17.02 -1.87 -1.85
C THR A 427 -18.12 -0.89 -2.27
N ALA A 428 -19.37 -1.17 -1.89
CA ALA A 428 -20.45 -0.23 -2.17
C ALA A 428 -20.25 1.07 -1.38
N THR A 429 -19.83 0.97 -0.12
CA THR A 429 -19.54 2.17 0.65
C THR A 429 -18.41 2.97 0.02
N GLN A 430 -17.37 2.30 -0.45
CA GLN A 430 -16.26 2.98 -1.11
C GLN A 430 -16.72 3.63 -2.42
N ALA A 431 -17.58 2.95 -3.17
CA ALA A 431 -18.12 3.53 -4.39
C ALA A 431 -18.92 4.79 -4.09
N GLY A 432 -19.76 4.73 -3.06
CA GLY A 432 -20.50 5.93 -2.67
C GLY A 432 -19.59 7.05 -2.23
N LEU A 433 -18.53 6.72 -1.49
CA LEU A 433 -17.60 7.75 -1.03
C LEU A 433 -16.87 8.40 -2.20
N VAL A 434 -16.45 7.59 -3.19
CA VAL A 434 -15.77 8.14 -4.34
C VAL A 434 -16.73 8.98 -5.18
N PHE A 435 -17.97 8.53 -5.32
CA PHE A 435 -18.96 9.32 -6.05
C PHE A 435 -19.21 10.66 -5.36
N LEU A 436 -19.27 10.65 -4.04
CA LEU A 436 -19.42 11.90 -3.29
C LEU A 436 -18.20 12.79 -3.47
N LEU A 437 -17.00 12.19 -3.47
CA LEU A 437 -15.77 12.95 -3.63
C LEU A 437 -15.71 13.63 -4.98
N ALA A 438 -16.13 12.92 -6.04
CA ALA A 438 -16.08 13.50 -7.37
C ALA A 438 -17.11 14.62 -7.55
N HIS A 439 -18.29 14.46 -6.96
CA HIS A 439 -19.39 15.39 -7.18
C HIS A 439 -19.40 16.48 -6.11
N THR A 440 -18.28 17.22 -6.04
CA THR A 440 -18.14 18.34 -5.11
C THR A 440 -17.36 19.44 -5.82
N ARG A 441 -18.08 20.43 -6.34
CA ARG A 441 -17.49 21.63 -6.89
C ARG A 441 -17.87 22.89 -6.13
N HIS A 442 -18.88 22.82 -5.27
CA HIS A 442 -19.30 23.97 -4.50
C HIS A 442 -18.21 24.35 -3.50
N PRO A 443 -18.14 25.64 -3.10
CA PRO A 443 -17.19 26.06 -2.07
C PRO A 443 -17.14 25.16 -0.83
N SER A 444 -18.25 24.48 -0.53
CA SER A 444 -18.29 23.52 0.58
C SER A 444 -17.61 22.21 0.18
N SER A 445 -16.32 22.33 -0.15
CA SER A 445 -15.50 21.20 -0.58
C SER A 445 -14.20 21.14 0.21
N ILE A 446 -14.27 21.45 1.50
CA ILE A 446 -13.13 21.28 2.40
C ILE A 446 -13.49 20.50 3.65
N TRP A 447 -14.75 20.16 3.85
CA TRP A 447 -15.18 19.37 5.00
C TRP A 447 -15.83 18.06 4.59
N LEU A 448 -16.75 18.09 3.64
CA LEU A 448 -17.48 16.88 3.27
C LEU A 448 -16.66 15.95 2.40
N CYS A 449 -15.85 16.48 1.49
CA CYS A 449 -15.11 15.62 0.59
C CYS A 449 -13.85 15.05 1.25
N TYR A 450 -13.03 15.92 1.86
CA TYR A 450 -11.85 15.48 2.58
C TYR A 450 -12.18 14.31 3.49
N ALA A 451 -13.08 14.54 4.45
CA ALA A 451 -13.49 13.49 5.36
C ALA A 451 -13.93 12.24 4.61
N ALA A 452 -14.70 12.44 3.54
CA ALA A 452 -15.14 11.30 2.72
C ALA A 452 -13.94 10.47 2.28
N PHE A 453 -12.93 11.12 1.68
CA PHE A 453 -11.74 10.40 1.28
C PHE A 453 -11.13 9.68 2.46
N VAL A 454 -11.05 10.37 3.61
CA VAL A 454 -10.56 9.73 4.83
C VAL A 454 -11.28 8.40 5.03
N LEU A 455 -12.61 8.45 5.11
CA LEU A 455 -13.39 7.24 5.29
C LEU A 455 -13.05 6.22 4.22
N PHE A 456 -12.96 6.66 2.97
CA PHE A 456 -12.64 5.74 1.88
C PHE A 456 -11.36 4.98 2.20
N ARG A 457 -10.29 5.71 2.53
CA ARG A 457 -9.04 5.05 2.85
C ARG A 457 -9.26 4.05 3.98
N GLY A 458 -9.90 4.49 5.07
CA GLY A 458 -10.14 3.60 6.18
C GLY A 458 -10.89 2.35 5.74
N SER A 459 -11.89 2.52 4.89
CA SER A 459 -12.66 1.37 4.42
C SER A 459 -11.73 0.33 3.81
N TYR A 460 -10.86 0.76 2.89
CA TYR A 460 -9.96 -0.20 2.28
C TYR A 460 -9.05 -0.83 3.33
N GLN A 461 -8.55 -0.02 4.26
CA GLN A 461 -7.68 -0.58 5.28
C GLN A 461 -8.43 -1.55 6.17
N PHE A 462 -9.74 -1.34 6.35
CA PHE A 462 -10.52 -2.29 7.14
C PHE A 462 -10.53 -3.68 6.53
N LEU A 463 -10.22 -3.80 5.25
CA LEU A 463 -10.14 -5.10 4.60
C LEU A 463 -8.72 -5.46 4.20
N VAL A 464 -7.73 -4.66 4.61
CA VAL A 464 -6.35 -5.00 4.28
C VAL A 464 -5.78 -6.07 5.22
N PRO A 465 -6.13 -6.12 6.54
CA PRO A 465 -5.57 -7.21 7.35
C PRO A 465 -6.44 -8.47 7.30
N ILE A 466 -7.72 -8.30 6.99
CA ILE A 466 -8.60 -9.46 6.87
C ILE A 466 -8.24 -10.26 5.62
N ALA A 467 -8.15 -9.59 4.48
CA ALA A 467 -7.83 -10.28 3.24
C ALA A 467 -6.53 -11.06 3.37
N THR A 468 -5.47 -10.38 3.81
CA THR A 468 -4.20 -11.07 4.04
C THR A 468 -4.40 -12.27 4.95
N PHE A 469 -5.12 -12.07 6.07
CA PHE A 469 -5.38 -13.17 6.97
C PHE A 469 -6.14 -14.29 6.27
N GLN A 470 -7.16 -13.92 5.49
CA GLN A 470 -7.91 -14.93 4.77
C GLN A 470 -7.12 -15.60 3.67
N ILE A 471 -5.96 -15.03 3.31
CA ILE A 471 -5.07 -15.75 2.40
C ILE A 471 -4.14 -16.68 3.18
N ALA A 472 -3.76 -16.32 4.40
CA ALA A 472 -2.90 -17.18 5.18
C ALA A 472 -3.65 -18.38 5.77
N SER A 473 -4.90 -18.16 6.18
CA SER A 473 -5.69 -19.25 6.74
C SER A 473 -6.07 -20.28 5.69
N SER A 474 -5.94 -19.96 4.41
CA SER A 474 -6.32 -20.86 3.32
C SER A 474 -5.15 -21.21 2.41
N LEU A 475 -3.95 -21.37 3.00
CA LEU A 475 -2.77 -21.74 2.23
C LEU A 475 -2.14 -22.97 2.88
N SER A 476 -1.98 -24.03 2.09
CA SER A 476 -1.42 -25.27 2.60
C SER A 476 0.09 -25.17 2.82
N LYS A 477 0.81 -24.57 1.88
CA LYS A 477 2.26 -24.50 1.93
C LYS A 477 2.69 -23.16 2.53
N GLU A 478 4.01 -22.96 2.59
CA GLU A 478 4.57 -21.70 3.04
C GLU A 478 4.65 -20.72 1.87
N LEU A 479 3.54 -20.54 1.15
CA LEU A 479 3.48 -19.67 -0.01
C LEU A 479 2.70 -18.39 0.27
N CYS A 480 2.65 -17.97 1.53
CA CYS A 480 1.91 -16.76 1.88
C CYS A 480 2.48 -15.54 1.17
N ALA A 481 3.79 -15.53 0.92
CA ALA A 481 4.41 -14.42 0.21
C ALA A 481 4.14 -14.46 -1.28
N LEU A 482 4.11 -15.67 -1.86
CA LEU A 482 3.87 -15.79 -3.30
C LEU A 482 2.51 -15.25 -3.68
N VAL A 483 1.47 -15.60 -2.90
CA VAL A 483 0.12 -15.15 -3.23
C VAL A 483 0.02 -13.63 -3.07
N PHE A 484 0.60 -13.08 -2.00
CA PHE A 484 0.59 -11.63 -1.82
C PHE A 484 1.29 -10.94 -2.97
N GLY A 485 2.44 -11.46 -3.39
CA GLY A 485 3.18 -10.83 -4.48
C GLY A 485 2.46 -10.91 -5.81
N VAL A 486 1.87 -12.07 -6.12
CA VAL A 486 1.14 -12.21 -7.37
C VAL A 486 -0.08 -11.30 -7.36
N ASN A 487 -0.77 -11.22 -6.23
CA ASN A 487 -1.93 -10.32 -6.14
C ASN A 487 -1.53 -8.87 -6.31
N THR A 488 -0.43 -8.46 -5.69
CA THR A 488 0.03 -7.08 -5.84
C THR A 488 0.45 -6.79 -7.27
N PHE A 489 1.16 -7.73 -7.91
CA PHE A 489 1.58 -7.55 -9.28
C PHE A 489 0.37 -7.42 -10.21
N PHE A 490 -0.63 -8.29 -10.04
CA PHE A 490 -1.81 -8.20 -10.89
C PHE A 490 -2.63 -6.94 -10.58
N ALA A 491 -2.67 -6.51 -9.33
CA ALA A 491 -3.38 -5.29 -8.98
C ALA A 491 -2.73 -4.09 -9.63
N THR A 492 -1.40 -4.01 -9.60
CA THR A 492 -0.74 -2.88 -10.26
C THR A 492 -0.85 -2.98 -11.78
N ILE A 493 -0.92 -4.20 -12.33
CA ILE A 493 -1.20 -4.35 -13.76
C ILE A 493 -2.57 -3.80 -14.10
N VAL A 494 -3.58 -4.13 -13.28
CA VAL A 494 -4.93 -3.63 -13.52
C VAL A 494 -4.98 -2.11 -13.39
N LYS A 495 -4.27 -1.57 -12.39
CA LYS A 495 -4.22 -0.12 -12.23
C LYS A 495 -3.57 0.55 -13.43
N THR A 496 -2.48 -0.03 -13.94
CA THR A 496 -1.83 0.53 -15.12
C THR A 496 -2.76 0.46 -16.33
N ILE A 497 -3.49 -0.65 -16.49
CA ILE A 497 -4.41 -0.78 -17.62
C ILE A 497 -5.51 0.27 -17.52
N ILE A 498 -6.07 0.45 -16.32
CA ILE A 498 -7.13 1.45 -16.14
C ILE A 498 -6.61 2.85 -16.42
N THR A 499 -5.41 3.16 -15.93
CA THR A 499 -4.81 4.46 -16.20
C THR A 499 -4.63 4.68 -17.70
N PHE A 500 -4.15 3.66 -18.40
CA PHE A 500 -3.97 3.78 -19.85
C PHE A 500 -5.31 4.00 -20.54
N ILE A 501 -6.37 3.33 -20.05
CA ILE A 501 -7.64 3.38 -20.76
C ILE A 501 -8.44 4.65 -20.45
N VAL A 502 -8.16 5.35 -19.35
CA VAL A 502 -8.93 6.52 -18.95
C VAL A 502 -8.09 7.79 -18.96
N SER A 503 -6.81 7.70 -18.61
CA SER A 503 -5.99 8.90 -18.48
C SER A 503 -5.17 9.21 -19.72
N ASP A 504 -4.76 8.20 -20.48
CA ASP A 504 -3.94 8.43 -21.65
C ASP A 504 -4.75 9.13 -22.74
N VAL A 505 -4.09 10.07 -23.43
CA VAL A 505 -4.78 10.84 -24.47
C VAL A 505 -5.16 9.96 -25.64
N ARG A 506 -4.31 8.97 -25.97
CA ARG A 506 -4.60 8.10 -27.10
C ARG A 506 -5.87 7.28 -26.87
N GLY A 507 -6.07 6.82 -25.64
CA GLY A 507 -7.27 6.07 -25.30
C GLY A 507 -8.46 6.97 -25.05
N LEU A 508 -9.26 6.63 -24.04
CA LEU A 508 -10.44 7.43 -23.68
C LEU A 508 -10.01 8.53 -22.72
N GLY A 509 -9.31 9.53 -23.28
CA GLY A 509 -8.81 10.63 -22.49
C GLY A 509 -9.88 11.52 -21.90
N LEU A 510 -9.98 11.51 -20.56
CA LEU A 510 -10.95 12.30 -19.83
C LEU A 510 -10.24 13.13 -18.77
N PRO A 511 -10.82 14.26 -18.37
CA PRO A 511 -10.23 15.05 -17.27
C PRO A 511 -10.38 14.34 -15.92
N VAL A 512 -9.97 15.01 -14.84
CA VAL A 512 -9.95 14.37 -13.53
C VAL A 512 -11.36 14.10 -13.04
N ARG A 513 -12.27 15.04 -13.30
CA ARG A 513 -13.67 14.88 -12.82
C ARG A 513 -14.25 13.59 -13.42
N LYS A 514 -14.28 13.49 -14.75
CA LYS A 514 -14.84 12.30 -15.39
C LYS A 514 -14.00 11.07 -15.07
N GLN A 515 -12.72 11.25 -14.77
CA GLN A 515 -11.89 10.13 -14.33
C GLN A 515 -12.42 9.55 -13.03
N PHE A 516 -12.78 10.42 -12.08
CA PHE A 516 -13.34 9.93 -10.83
C PHE A 516 -14.76 9.40 -11.01
N GLN A 517 -15.54 10.00 -11.92
CA GLN A 517 -16.83 9.41 -12.26
C GLN A 517 -16.65 8.00 -12.79
N LEU A 518 -15.55 7.72 -13.48
CA LEU A 518 -15.28 6.37 -13.96
C LEU A 518 -14.84 5.47 -12.81
N TYR A 519 -14.00 5.98 -11.89
CA TYR A 519 -13.53 5.16 -10.78
C TYR A 519 -14.68 4.75 -9.86
N SER A 520 -15.59 5.68 -9.60
CA SER A 520 -16.77 5.36 -8.77
C SER A 520 -17.58 4.27 -9.46
N VAL A 521 -17.80 4.40 -10.77
CA VAL A 521 -18.53 3.39 -11.54
C VAL A 521 -17.75 2.08 -11.55
N TYR A 522 -16.42 2.16 -11.64
CA TYR A 522 -15.60 0.96 -11.56
C TYR A 522 -15.82 0.23 -10.24
N PHE A 523 -15.92 0.98 -9.14
CA PHE A 523 -16.30 0.37 -7.88
C PHE A 523 -17.75 -0.10 -7.89
N LEU A 524 -18.61 0.59 -8.65
CA LEU A 524 -20.01 0.18 -8.73
C LEU A 524 -20.14 -1.18 -9.42
N ILE A 525 -19.40 -1.40 -10.51
CA ILE A 525 -19.35 -2.73 -11.11
C ILE A 525 -18.69 -3.71 -10.16
N LEU A 526 -17.81 -3.23 -9.29
CA LEU A 526 -17.14 -4.06 -8.31
C LEU A 526 -17.94 -4.24 -7.03
N SER A 527 -19.09 -3.58 -6.90
CA SER A 527 -19.94 -3.77 -5.74
C SER A 527 -21.25 -4.48 -6.05
N ILE A 528 -21.59 -4.66 -7.33
CA ILE A 528 -22.72 -5.49 -7.72
C ILE A 528 -22.28 -6.86 -8.21
N ILE A 529 -20.99 -7.09 -8.38
CA ILE A 529 -20.49 -8.43 -8.68
C ILE A 529 -20.39 -9.25 -7.41
N TYR A 530 -19.80 -8.67 -6.36
CA TYR A 530 -19.78 -9.33 -5.06
C TYR A 530 -21.16 -9.34 -4.42
N PHE A 531 -21.98 -8.34 -4.71
CA PHE A 531 -23.38 -8.38 -4.25
C PHE A 531 -24.09 -9.57 -4.85
N LEU A 532 -23.85 -9.82 -6.15
CA LEU A 532 -24.47 -10.97 -6.84
C LEU A 532 -23.57 -12.21 -6.71
N GLY A 533 -22.78 -12.30 -5.65
CA GLY A 533 -21.97 -13.47 -5.38
C GLY A 533 -22.34 -14.03 -4.03
N ALA A 534 -22.95 -13.18 -3.20
CA ALA A 534 -23.41 -13.58 -1.88
C ALA A 534 -24.83 -14.13 -1.90
N MET A 535 -25.55 -13.94 -3.00
CA MET A 535 -26.85 -14.59 -3.19
C MET A 535 -26.79 -15.78 -4.12
N LEU A 536 -25.79 -15.83 -5.01
CA LEU A 536 -25.61 -17.02 -5.84
C LEU A 536 -25.24 -18.23 -4.98
N ASP A 537 -24.26 -18.07 -4.08
CA ASP A 537 -23.91 -19.16 -3.19
C ASP A 537 -25.00 -19.39 -2.14
N GLY A 538 -25.71 -18.34 -1.75
CA GLY A 538 -26.84 -18.51 -0.87
C GLY A 538 -27.96 -19.32 -1.52
N LEU A 539 -28.14 -19.15 -2.83
CA LEU A 539 -29.11 -19.96 -3.56
C LEU A 539 -28.73 -21.44 -3.53
N ARG A 540 -27.44 -21.73 -3.70
CA ARG A 540 -27.00 -23.13 -3.73
C ARG A 540 -27.16 -23.82 -2.39
N HIS A 541 -27.29 -23.07 -1.31
CA HIS A 541 -27.45 -23.66 0.02
C HIS A 541 -28.90 -24.09 0.25
#